data_3IN7
#
_entry.id   3IN7
#
_cell.length_a   40.384
_cell.length_b   63.955
_cell.length_c   92.725
_cell.angle_alpha   90.000
_cell.angle_beta   90.000
_cell.angle_gamma   90.000
#
_symmetry.space_group_name_H-M   'P 21 21 21'
#
loop_
_entity.id
_entity.type
_entity.pdbx_description
1 polymer 'Growth factor receptor-bound protein 2'
2 non-polymer N~2~-({(1R,2R,3S)-2-(methylcarbamoyl)-3-[4-(phosphonooxy)phenyl]cyclopropyl}carbonyl)-D-glutaminyl-D-aspartamide
3 water water
#
_entity_poly.entity_id   1
_entity_poly.type   'polypeptide(L)'
_entity_poly.pdbx_seq_one_letter_code
;IEMKPHPWFFGKIPRAKAEEMLSKQRHDGAFLIRESESAPGDFSLSVKFGNDVQHFKVLRDGAGKYFLWVVKFNSLNELV
DYHRSTSVSRNQQIFLRDIEQVPQQPTYVQAHHHHHH
;
_entity_poly.pdbx_strand_id   A,C
#
# COMPACT_ATOMS: atom_id res chain seq x y z
N MET A 3 12.05 -6.29 -8.49
CA MET A 3 11.82 -5.65 -7.17
C MET A 3 11.15 -6.61 -6.18
N LYS A 4 11.17 -6.21 -4.91
CA LYS A 4 10.55 -6.94 -3.81
C LYS A 4 9.40 -6.05 -3.32
N PRO A 5 8.34 -6.64 -2.71
CA PRO A 5 7.25 -5.78 -2.22
C PRO A 5 7.74 -4.96 -1.02
N HIS A 6 7.13 -3.79 -0.82
CA HIS A 6 7.51 -2.92 0.28
C HIS A 6 7.19 -3.53 1.64
N PRO A 7 8.20 -3.61 2.53
CA PRO A 7 8.03 -4.19 3.87
C PRO A 7 7.27 -3.29 4.87
N TRP A 8 6.76 -2.17 4.37
CA TRP A 8 6.03 -1.23 5.21
C TRP A 8 4.52 -1.15 5.07
N PHE A 9 3.95 -1.84 4.08
CA PHE A 9 2.50 -1.79 3.89
C PHE A 9 1.81 -2.95 4.59
N PHE A 10 1.02 -2.60 5.61
CA PHE A 10 0.30 -3.59 6.42
C PHE A 10 -1.21 -3.69 6.22
N GLY A 11 -1.74 -2.91 5.28
CA GLY A 11 -3.16 -2.93 4.99
C GLY A 11 -4.07 -2.43 6.09
N LYS A 12 -5.21 -3.11 6.27
CA LYS A 12 -6.20 -2.72 7.27
C LYS A 12 -5.98 -3.37 8.64
N ILE A 13 -4.93 -2.95 9.33
CA ILE A 13 -4.63 -3.46 10.67
C ILE A 13 -5.03 -2.40 11.70
N PRO A 14 -5.52 -2.82 12.90
CA PRO A 14 -5.91 -1.83 13.90
C PRO A 14 -4.73 -1.00 14.43
N ARG A 15 -5.05 0.23 14.87
CA ARG A 15 -4.08 1.17 15.45
C ARG A 15 -3.35 0.53 16.64
N ALA A 16 -4.11 -0.19 17.48
CA ALA A 16 -3.57 -0.86 18.67
C ALA A 16 -2.62 -1.98 18.30
N LYS A 17 -2.92 -2.68 17.19
CA LYS A 17 -2.10 -3.77 16.67
C LYS A 17 -0.78 -3.23 16.13
N ALA A 18 -0.85 -2.05 15.52
CA ALA A 18 0.32 -1.36 14.98
C ALA A 18 1.24 -0.91 16.11
N GLU A 19 0.64 -0.44 17.21
CA GLU A 19 1.40 0.02 18.39
C GLU A 19 2.09 -1.17 19.06
N GLU A 20 1.34 -2.27 19.17
CA GLU A 20 1.78 -3.53 19.79
C GLU A 20 3.05 -4.10 19.15
N MET A 21 3.10 -4.11 17.81
CA MET A 21 4.26 -4.64 17.12
C MET A 21 5.43 -3.66 16.98
N LEU A 22 5.14 -2.36 16.87
CA LEU A 22 6.20 -1.34 16.76
C LEU A 22 6.95 -1.08 18.05
N SER A 23 6.29 -1.27 19.20
CA SER A 23 6.91 -1.06 20.52
C SER A 23 7.97 -2.14 20.79
N LYS A 24 7.83 -3.27 20.09
CA LYS A 24 8.73 -4.41 20.20
C LYS A 24 9.97 -4.28 19.30
N GLN A 25 9.90 -3.37 18.32
CA GLN A 25 11.01 -3.11 17.40
C GLN A 25 12.17 -2.44 18.15
N ARG A 26 13.39 -2.72 17.71
CA ARG A 26 14.60 -2.21 18.39
C ARG A 26 15.20 -0.88 17.93
N HIS A 27 14.73 -0.33 16.80
CA HIS A 27 15.26 0.93 16.29
C HIS A 27 14.26 2.05 16.13
N ASP A 28 14.69 3.26 16.48
CA ASP A 28 13.88 4.48 16.36
C ASP A 28 13.69 4.75 14.86
N GLY A 29 12.44 4.98 14.47
CA GLY A 29 12.14 5.23 13.08
C GLY A 29 11.47 4.05 12.40
N ALA A 30 11.44 2.88 13.07
CA ALA A 30 10.78 1.68 12.55
C ALA A 30 9.32 2.06 12.35
N PHE A 31 8.82 1.84 11.14
CA PHE A 31 7.46 2.26 10.80
C PHE A 31 6.65 1.29 9.94
N LEU A 32 5.43 1.73 9.66
CA LEU A 32 4.47 1.03 8.81
C LEU A 32 3.40 2.00 8.33
N ILE A 33 2.82 1.70 7.17
CA ILE A 33 1.71 2.49 6.64
C ILE A 33 0.53 1.51 6.75
N ARG A 34 -0.58 2.01 7.27
CA ARG A 34 -1.76 1.18 7.41
C ARG A 34 -2.98 1.93 6.87
N GLU A 35 -4.03 1.17 6.57
CA GLU A 35 -5.27 1.76 6.08
C GLU A 35 -6.12 2.03 7.31
N SER A 36 -6.44 3.32 7.50
CA SER A 36 -7.21 3.82 8.63
C SER A 36 -8.62 3.26 8.72
N GLU A 37 -9.00 2.84 9.93
CA GLU A 37 -10.33 2.29 10.19
C GLU A 37 -11.24 3.44 10.63
N SER A 38 -10.63 4.39 11.37
CA SER A 38 -11.29 5.58 11.90
C SER A 38 -11.70 6.57 10.81
N ALA A 39 -10.96 6.55 9.71
CA ALA A 39 -11.21 7.39 8.54
C ALA A 39 -11.08 6.48 7.31
N PRO A 40 -12.17 5.75 6.96
CA PRO A 40 -12.17 4.81 5.81
C PRO A 40 -11.78 5.42 4.45
N GLY A 41 -10.84 4.74 3.78
CA GLY A 41 -10.35 5.19 2.47
C GLY A 41 -8.98 5.85 2.55
N ASP A 42 -8.65 6.34 3.74
CA ASP A 42 -7.38 7.03 3.99
C ASP A 42 -6.30 6.13 4.61
N PHE A 43 -5.08 6.67 4.63
CA PHE A 43 -3.91 5.97 5.18
C PHE A 43 -3.37 6.65 6.43
N SER A 44 -2.65 5.87 7.23
CA SER A 44 -2.04 6.36 8.46
C SER A 44 -0.62 5.84 8.58
N LEU A 45 0.25 6.69 9.15
CA LEU A 45 1.65 6.34 9.36
C LEU A 45 1.89 6.14 10.85
N SER A 46 2.45 4.99 11.23
CA SER A 46 2.75 4.71 12.63
C SER A 46 4.26 4.50 12.74
N VAL A 47 4.90 5.23 13.65
CA VAL A 47 6.38 5.19 13.81
C VAL A 47 6.84 5.02 15.26
N LYS A 48 7.89 4.22 15.46
CA LYS A 48 8.46 4.01 16.78
C LYS A 48 9.55 5.05 17.06
N PHE A 49 9.51 5.65 18.25
CA PHE A 49 10.52 6.59 18.69
C PHE A 49 10.59 6.49 20.21
N GLY A 50 11.74 6.04 20.71
CA GLY A 50 11.94 5.86 22.15
C GLY A 50 10.99 4.79 22.65
N ASN A 51 10.27 5.09 23.74
CA ASN A 51 9.32 4.16 24.35
C ASN A 51 7.89 4.39 23.87
N ASP A 52 7.74 5.28 22.88
CA ASP A 52 6.43 5.62 22.32
C ASP A 52 6.30 5.27 20.85
N VAL A 53 5.05 5.24 20.40
CA VAL A 53 4.69 4.98 19.00
C VAL A 53 3.84 6.18 18.58
N GLN A 54 4.38 6.98 17.66
CA GLN A 54 3.69 8.16 17.15
C GLN A 54 2.84 7.84 15.93
N HIS A 55 1.71 8.52 15.81
CA HIS A 55 0.80 8.30 14.68
C HIS A 55 0.60 9.58 13.89
N PHE A 56 0.63 9.44 12.57
CA PHE A 56 0.45 10.57 11.66
C PHE A 56 -0.64 10.21 10.68
N LYS A 57 -1.46 11.20 10.34
CA LYS A 57 -2.49 11.00 9.34
C LYS A 57 -1.81 11.30 8.00
N VAL A 58 -2.06 10.46 7.00
CA VAL A 58 -1.51 10.73 5.67
C VAL A 58 -2.65 11.51 5.01
N LEU A 59 -2.46 12.82 5.00
CA LEU A 59 -3.43 13.77 4.49
C LEU A 59 -3.47 13.86 2.97
N ARG A 60 -4.67 14.10 2.45
CA ARG A 60 -4.92 14.22 1.02
C ARG A 60 -5.54 15.58 0.73
N ASP A 61 -5.34 16.06 -0.51
CA ASP A 61 -5.95 17.31 -0.96
C ASP A 61 -6.86 16.97 -2.15
N GLY A 62 -7.44 17.98 -2.79
CA GLY A 62 -8.32 17.75 -3.94
C GLY A 62 -7.61 17.27 -5.19
N ALA A 63 -6.29 17.40 -5.21
CA ALA A 63 -5.43 16.98 -6.32
C ALA A 63 -4.97 15.53 -6.15
N GLY A 64 -5.34 14.91 -5.03
CA GLY A 64 -4.95 13.53 -4.76
C GLY A 64 -3.51 13.38 -4.31
N LYS A 65 -2.90 14.49 -3.88
CA LYS A 65 -1.52 14.45 -3.39
C LYS A 65 -1.52 13.89 -1.97
N TYR A 66 -0.35 13.40 -1.54
CA TYR A 66 -0.17 12.82 -0.21
C TYR A 66 0.78 13.72 0.57
N PHE A 67 0.44 14.00 1.83
CA PHE A 67 1.28 14.85 2.69
C PHE A 67 1.07 14.65 4.18
N LEU A 68 2.06 15.10 4.94
CA LEU A 68 1.99 15.01 6.40
C LEU A 68 1.91 16.43 6.95
N TRP A 69 2.75 17.31 6.39
CA TRP A 69 2.83 18.71 6.82
C TRP A 69 2.55 19.72 5.69
N VAL A 70 3.60 20.18 5.00
CA VAL A 70 3.45 21.17 3.91
C VAL A 70 3.79 20.60 2.52
N VAL A 71 4.95 19.94 2.40
CA VAL A 71 5.42 19.36 1.13
C VAL A 71 4.46 18.28 0.61
N LYS A 72 4.06 18.41 -0.66
CA LYS A 72 3.13 17.49 -1.30
C LYS A 72 3.84 16.42 -2.15
N PHE A 73 3.32 15.19 -2.09
CA PHE A 73 3.87 14.05 -2.85
C PHE A 73 2.84 13.39 -3.75
N ASN A 74 3.31 12.86 -4.88
CA ASN A 74 2.44 12.19 -5.86
C ASN A 74 2.02 10.78 -5.47
N SER A 75 2.77 10.17 -4.55
CA SER A 75 2.50 8.80 -4.11
C SER A 75 2.90 8.56 -2.65
N LEU A 76 2.36 7.49 -2.07
CA LEU A 76 2.70 7.05 -0.71
C LEU A 76 4.17 6.67 -0.68
N ASN A 77 4.65 6.09 -1.79
CA ASN A 77 6.04 5.65 -1.95
C ASN A 77 7.02 6.82 -1.87
N GLU A 78 6.64 7.96 -2.47
CA GLU A 78 7.48 9.16 -2.46
C GLU A 78 7.49 9.85 -1.10
N LEU A 79 6.36 9.77 -0.38
CA LEU A 79 6.24 10.34 0.97
C LEU A 79 7.21 9.60 1.88
N VAL A 80 7.10 8.28 1.85
CA VAL A 80 7.93 7.35 2.63
C VAL A 80 9.42 7.55 2.36
N ASP A 81 9.80 7.54 1.07
CA ASP A 81 11.20 7.69 0.67
C ASP A 81 11.86 9.01 1.04
N TYR A 82 11.09 10.10 0.98
CA TYR A 82 11.57 11.42 1.36
C TYR A 82 11.88 11.43 2.87
N HIS A 83 10.99 10.82 3.63
CA HIS A 83 11.13 10.78 5.08
C HIS A 83 12.14 9.81 5.67
N ARG A 84 12.94 9.20 4.79
CA ARG A 84 14.02 8.30 5.22
C ARG A 84 15.25 9.16 5.47
N SER A 85 15.27 10.34 4.85
CA SER A 85 16.38 11.31 4.96
C SER A 85 15.98 12.66 5.56
N THR A 86 14.67 12.91 5.69
CA THR A 86 14.16 14.13 6.31
C THR A 86 13.21 13.69 7.41
N SER A 87 13.35 14.30 8.59
CA SER A 87 12.53 13.97 9.75
C SER A 87 11.02 14.22 9.60
N VAL A 88 10.22 13.32 10.20
CA VAL A 88 8.77 13.45 10.19
C VAL A 88 8.32 14.41 11.32
N SER A 89 9.29 14.79 12.15
CA SER A 89 9.05 15.70 13.28
C SER A 89 10.02 16.87 13.29
N ARG A 90 9.56 18.00 13.81
CA ARG A 90 10.37 19.22 13.91
C ARG A 90 11.09 19.33 15.27
N ASN A 91 10.62 18.56 16.25
CA ASN A 91 11.17 18.55 17.61
C ASN A 91 12.30 17.56 17.76
N GLN A 92 12.09 16.37 17.20
CA GLN A 92 13.06 15.27 17.25
C GLN A 92 13.41 14.80 15.85
N GLN A 93 14.62 14.24 15.72
CA GLN A 93 15.12 13.71 14.45
C GLN A 93 14.65 12.25 14.31
N ILE A 94 13.52 12.10 13.61
CA ILE A 94 12.90 10.79 13.38
C ILE A 94 12.87 10.47 11.89
N PHE A 95 13.78 9.60 11.47
CA PHE A 95 13.87 9.19 10.08
C PHE A 95 13.27 7.80 9.94
N LEU A 96 12.48 7.60 8.89
CA LEU A 96 11.84 6.32 8.64
C LEU A 96 12.81 5.24 8.16
N ARG A 97 12.71 4.07 8.79
CA ARG A 97 13.53 2.93 8.43
C ARG A 97 12.69 1.67 8.49
N ASP A 98 12.94 0.75 7.56
CA ASP A 98 12.21 -0.52 7.47
C ASP A 98 12.14 -1.33 8.74
N ILE A 99 10.95 -1.91 8.96
CA ILE A 99 10.64 -2.78 10.09
C ILE A 99 11.50 -4.06 10.01
N GLU A 100 11.85 -4.63 11.16
CA GLU A 100 12.64 -5.86 11.20
C GLU A 100 11.77 -7.10 11.36
N GLN A 101 11.87 -8.01 10.40
CA GLN A 101 11.13 -9.28 10.36
C GLN A 101 12.06 -10.44 10.76
N MET B 3 0.90 -9.35 12.52
CA MET B 3 2.18 -8.93 11.91
C MET B 3 2.23 -9.29 10.42
N LYS B 4 3.45 -9.35 9.87
CA LYS B 4 3.76 -9.68 8.47
C LYS B 4 3.16 -8.71 7.43
N PRO B 5 4.03 -7.92 6.75
CA PRO B 5 3.56 -6.98 5.73
C PRO B 5 2.99 -7.71 4.51
N HIS B 6 2.03 -7.06 3.85
CA HIS B 6 1.39 -7.63 2.67
C HIS B 6 2.35 -7.77 1.49
N PRO B 7 2.44 -8.99 0.91
CA PRO B 7 3.34 -9.24 -0.22
C PRO B 7 2.87 -8.71 -1.58
N TRP B 8 1.80 -7.94 -1.58
CA TRP B 8 1.25 -7.41 -2.82
C TRP B 8 1.41 -5.91 -3.09
N PHE B 9 1.93 -5.16 -2.12
CA PHE B 9 2.10 -3.72 -2.34
C PHE B 9 3.50 -3.40 -2.81
N PHE B 10 3.58 -2.89 -4.03
CA PHE B 10 4.84 -2.57 -4.68
C PHE B 10 5.15 -1.10 -4.84
N GLY B 11 4.24 -0.24 -4.37
CA GLY B 11 4.43 1.20 -4.45
C GLY B 11 4.48 1.73 -5.86
N LYS B 12 5.34 2.72 -6.08
CA LYS B 12 5.46 3.35 -7.40
C LYS B 12 6.46 2.65 -8.33
N ILE B 13 5.98 1.62 -9.01
CA ILE B 13 6.78 0.86 -9.98
C ILE B 13 6.12 1.04 -11.35
N PRO B 14 6.93 1.13 -12.44
CA PRO B 14 6.31 1.29 -13.77
C PRO B 14 5.45 0.11 -14.20
N ARG B 15 4.48 0.39 -15.07
CA ARG B 15 3.55 -0.61 -15.61
C ARG B 15 4.33 -1.75 -16.29
N ALA B 16 5.42 -1.37 -16.97
CA ALA B 16 6.30 -2.29 -17.67
C ALA B 16 7.05 -3.23 -16.72
N LYS B 17 7.39 -2.72 -15.53
CA LYS B 17 8.10 -3.49 -14.50
C LYS B 17 7.20 -4.53 -13.85
N ALA B 18 5.92 -4.19 -13.72
CA ALA B 18 4.88 -5.07 -13.15
C ALA B 18 4.68 -6.23 -14.14
N GLU B 19 4.76 -5.91 -15.43
CA GLU B 19 4.62 -6.90 -16.50
C GLU B 19 5.79 -7.86 -16.52
N GLU B 20 7.00 -7.33 -16.29
CA GLU B 20 8.22 -8.12 -16.27
C GLU B 20 8.20 -9.15 -15.13
N MET B 21 7.86 -8.69 -13.94
CA MET B 21 7.81 -9.55 -12.75
C MET B 21 6.70 -10.60 -12.74
N LEU B 22 5.48 -10.18 -13.06
CA LEU B 22 4.34 -11.10 -13.04
C LEU B 22 4.33 -12.22 -14.09
N SER B 23 4.93 -11.96 -15.24
CA SER B 23 5.02 -12.96 -16.31
C SER B 23 5.96 -14.10 -15.91
N LYS B 24 6.86 -13.82 -14.97
CA LYS B 24 7.83 -14.78 -14.45
C LYS B 24 7.25 -15.62 -13.31
N GLN B 25 6.02 -15.27 -12.89
CA GLN B 25 5.31 -15.98 -11.84
C GLN B 25 4.67 -17.24 -12.44
N ARG B 26 4.64 -18.31 -11.64
CA ARG B 26 4.14 -19.62 -12.08
C ARG B 26 2.63 -19.84 -12.07
N HIS B 27 1.91 -19.03 -11.28
CA HIS B 27 0.46 -19.17 -11.15
C HIS B 27 -0.40 -18.05 -11.72
N ASP B 28 -1.53 -18.42 -12.33
CA ASP B 28 -2.51 -17.47 -12.86
C ASP B 28 -3.16 -16.83 -11.64
N GLY B 29 -3.30 -15.51 -11.67
CA GLY B 29 -3.88 -14.81 -10.55
C GLY B 29 -2.82 -14.14 -9.69
N ALA B 30 -1.55 -14.36 -10.03
CA ALA B 30 -0.42 -13.74 -9.33
C ALA B 30 -0.57 -12.25 -9.57
N PHE B 31 -0.55 -11.47 -8.50
CA PHE B 31 -0.78 -10.04 -8.62
C PHE B 31 0.05 -9.11 -7.74
N LEU B 32 -0.22 -7.83 -7.91
CA LEU B 32 0.39 -6.75 -7.16
C LEU B 32 -0.48 -5.50 -7.34
N ILE B 33 -0.37 -4.60 -6.37
CA ILE B 33 -1.05 -3.31 -6.39
C ILE B 33 0.12 -2.32 -6.44
N ARG B 34 0.04 -1.39 -7.39
CA ARG B 34 1.05 -0.37 -7.59
C ARG B 34 0.41 1.00 -7.65
N GLU B 35 1.20 2.03 -7.36
CA GLU B 35 0.70 3.39 -7.44
C GLU B 35 0.92 3.86 -8.88
N SER B 36 -0.21 4.17 -9.53
CA SER B 36 -0.27 4.60 -10.93
C SER B 36 0.61 5.82 -11.25
N GLU B 37 1.37 5.70 -12.35
CA GLU B 37 2.25 6.78 -12.82
C GLU B 37 1.49 7.66 -13.82
N SER B 38 0.58 7.04 -14.58
CA SER B 38 -0.25 7.73 -15.57
C SER B 38 -1.37 8.54 -14.91
N ALA B 39 -1.82 8.07 -13.75
CA ALA B 39 -2.87 8.70 -12.96
C ALA B 39 -2.36 8.83 -11.51
N PRO B 40 -1.51 9.86 -11.23
CA PRO B 40 -0.92 10.09 -9.90
C PRO B 40 -1.96 10.22 -8.78
N GLY B 41 -1.74 9.48 -7.70
CA GLY B 41 -2.65 9.50 -6.56
C GLY B 41 -3.57 8.31 -6.52
N ASP B 42 -3.68 7.59 -7.64
CA ASP B 42 -4.53 6.41 -7.76
C ASP B 42 -3.66 5.15 -7.75
N PHE B 43 -4.32 4.01 -7.55
CA PHE B 43 -3.65 2.71 -7.55
C PHE B 43 -4.06 1.95 -8.80
N SER B 44 -3.22 0.98 -9.17
CA SER B 44 -3.47 0.11 -10.32
C SER B 44 -3.19 -1.33 -9.92
N LEU B 45 -4.04 -2.23 -10.40
CA LEU B 45 -3.94 -3.66 -10.11
C LEU B 45 -3.43 -4.39 -11.36
N SER B 46 -2.33 -5.11 -11.22
CA SER B 46 -1.75 -5.89 -12.33
C SER B 46 -1.83 -7.37 -11.95
N VAL B 47 -2.31 -8.21 -12.89
CA VAL B 47 -2.52 -9.64 -12.65
C VAL B 47 -2.04 -10.53 -13.81
N LYS B 48 -1.42 -11.66 -13.48
CA LYS B 48 -0.96 -12.62 -14.49
C LYS B 48 -2.14 -13.52 -14.90
N PHE B 49 -2.26 -13.74 -16.20
CA PHE B 49 -3.28 -14.60 -16.76
C PHE B 49 -2.77 -15.14 -18.09
N GLY B 50 -2.46 -16.44 -18.10
CA GLY B 50 -1.93 -17.09 -19.29
C GLY B 50 -0.56 -16.54 -19.64
N ASN B 51 -0.45 -16.01 -20.85
CA ASN B 51 0.79 -15.43 -21.34
C ASN B 51 0.75 -13.91 -21.28
N ASP B 52 -0.31 -13.39 -20.67
CA ASP B 52 -0.52 -11.95 -20.54
C ASP B 52 -0.50 -11.50 -19.09
N VAL B 53 -0.42 -10.18 -18.92
CA VAL B 53 -0.47 -9.52 -17.62
C VAL B 53 -1.53 -8.45 -17.86
N GLN B 54 -2.67 -8.61 -17.20
CA GLN B 54 -3.80 -7.69 -17.31
C GLN B 54 -3.70 -6.57 -16.29
N HIS B 55 -4.18 -5.38 -16.68
CA HIS B 55 -4.17 -4.20 -15.82
C HIS B 55 -5.57 -3.68 -15.56
N PHE B 56 -5.82 -3.38 -14.29
CA PHE B 56 -7.09 -2.85 -13.81
C PHE B 56 -6.84 -1.54 -13.08
N LYS B 57 -7.76 -0.61 -13.24
CA LYS B 57 -7.69 0.69 -12.59
C LYS B 57 -8.44 0.56 -11.28
N VAL B 58 -7.81 0.93 -10.16
CA VAL B 58 -8.51 0.88 -8.88
C VAL B 58 -9.17 2.26 -8.81
N LEU B 59 -10.49 2.25 -8.93
CA LEU B 59 -11.28 3.46 -8.92
C LEU B 59 -11.74 3.79 -7.51
N ARG B 60 -11.86 5.10 -7.24
CA ARG B 60 -12.27 5.59 -5.92
C ARG B 60 -13.40 6.60 -6.11
N ASP B 61 -14.50 6.41 -5.36
CA ASP B 61 -15.67 7.30 -5.44
C ASP B 61 -15.55 8.55 -4.56
N GLY B 62 -16.68 9.26 -4.40
CA GLY B 62 -16.74 10.47 -3.60
C GLY B 62 -16.75 10.23 -2.09
N ALA B 63 -17.03 8.99 -1.70
CA ALA B 63 -17.07 8.59 -0.29
C ALA B 63 -15.69 8.06 0.12
N GLY B 64 -14.78 7.96 -0.86
CA GLY B 64 -13.43 7.48 -0.62
C GLY B 64 -13.27 5.97 -0.68
N LYS B 65 -14.32 5.29 -1.13
CA LYS B 65 -14.32 3.82 -1.24
C LYS B 65 -13.73 3.33 -2.56
N TYR B 66 -12.93 2.26 -2.49
CA TYR B 66 -12.26 1.65 -3.65
C TYR B 66 -13.14 0.63 -4.35
N PHE B 67 -12.99 0.54 -5.68
CA PHE B 67 -13.74 -0.43 -6.51
C PHE B 67 -13.13 -0.70 -7.88
N LEU B 68 -13.53 -1.83 -8.47
CA LEU B 68 -13.09 -2.22 -9.80
C LEU B 68 -14.28 -2.16 -10.74
N TRP B 69 -15.41 -2.71 -10.30
CA TRP B 69 -16.64 -2.74 -11.09
C TRP B 69 -17.81 -2.00 -10.46
N VAL B 70 -18.56 -2.70 -9.60
CA VAL B 70 -19.72 -2.13 -8.92
C VAL B 70 -19.64 -2.19 -7.39
N VAL B 71 -19.20 -3.33 -6.85
CA VAL B 71 -19.05 -3.57 -5.41
C VAL B 71 -17.97 -2.63 -4.84
N LYS B 72 -18.33 -1.88 -3.78
CA LYS B 72 -17.42 -0.93 -3.16
C LYS B 72 -16.80 -1.37 -1.83
N PHE B 73 -15.53 -0.98 -1.64
CA PHE B 73 -14.75 -1.36 -0.44
C PHE B 73 -14.11 -0.20 0.29
N ASN B 74 -14.00 -0.33 1.61
CA ASN B 74 -13.42 0.69 2.48
C ASN B 74 -11.89 0.76 2.44
N SER B 75 -11.27 -0.33 2.00
CA SER B 75 -9.81 -0.41 1.90
C SER B 75 -9.34 -1.24 0.71
N LEU B 76 -8.05 -1.09 0.38
CA LEU B 76 -7.42 -1.85 -0.70
C LEU B 76 -7.28 -3.29 -0.23
N ASN B 77 -7.11 -3.46 1.09
CA ASN B 77 -6.98 -4.77 1.72
C ASN B 77 -8.27 -5.55 1.53
N GLU B 78 -9.41 -4.85 1.70
CA GLU B 78 -10.73 -5.44 1.53
C GLU B 78 -11.04 -5.79 0.07
N LEU B 79 -10.51 -5.00 -0.87
CA LEU B 79 -10.70 -5.24 -2.31
C LEU B 79 -9.94 -6.51 -2.70
N VAL B 80 -8.69 -6.57 -2.26
CA VAL B 80 -7.77 -7.68 -2.52
C VAL B 80 -8.30 -9.00 -1.98
N ASP B 81 -8.70 -8.99 -0.71
CA ASP B 81 -9.22 -10.17 -0.03
C ASP B 81 -10.52 -10.74 -0.60
N TYR B 82 -11.44 -9.87 -1.00
CA TYR B 82 -12.72 -10.27 -1.60
C TYR B 82 -12.44 -10.93 -2.96
N HIS B 83 -11.46 -10.36 -3.67
CA HIS B 83 -11.08 -10.84 -4.97
C HIS B 83 -10.20 -12.09 -5.06
N ARG B 84 -10.04 -12.76 -3.92
CA ARG B 84 -9.30 -14.02 -3.84
C ARG B 84 -10.31 -15.14 -4.09
N SER B 85 -11.57 -14.86 -3.73
CA SER B 85 -12.67 -15.80 -3.87
C SER B 85 -13.68 -15.43 -4.96
N THR B 86 -13.60 -14.19 -5.47
CA THR B 86 -14.48 -13.68 -6.54
C THR B 86 -13.61 -13.07 -7.63
N SER B 87 -13.92 -13.40 -8.88
CA SER B 87 -13.16 -12.91 -10.05
C SER B 87 -13.06 -11.40 -10.27
N VAL B 88 -11.87 -10.97 -10.69
CA VAL B 88 -11.58 -9.56 -10.99
C VAL B 88 -12.02 -9.22 -12.41
N SER B 89 -12.13 -10.27 -13.22
CA SER B 89 -12.53 -10.15 -14.61
C SER B 89 -14.00 -10.50 -14.82
N ARG B 90 -14.64 -9.72 -15.68
CA ARG B 90 -16.03 -9.93 -16.06
C ARG B 90 -16.09 -10.88 -17.27
N ASN B 91 -14.91 -11.18 -17.83
CA ASN B 91 -14.74 -12.07 -18.97
C ASN B 91 -14.38 -13.48 -18.57
N GLN B 92 -13.26 -13.63 -17.87
CA GLN B 92 -12.76 -14.92 -17.40
C GLN B 92 -12.78 -15.02 -15.88
N GLN B 93 -12.44 -16.20 -15.37
CA GLN B 93 -12.41 -16.45 -13.93
C GLN B 93 -10.98 -16.36 -13.40
N ILE B 94 -10.59 -15.15 -12.96
CA ILE B 94 -9.25 -14.89 -12.42
C ILE B 94 -9.35 -14.53 -10.94
N PHE B 95 -8.77 -15.38 -10.10
CA PHE B 95 -8.77 -15.18 -8.65
C PHE B 95 -7.39 -14.76 -8.20
N LEU B 96 -7.33 -13.69 -7.40
CA LEU B 96 -6.07 -13.17 -6.89
C LEU B 96 -5.37 -14.06 -5.88
N ARG B 97 -4.09 -14.32 -6.11
CA ARG B 97 -3.28 -15.11 -5.19
C ARG B 97 -1.92 -14.47 -5.09
N ASP B 98 -1.35 -14.48 -3.88
CA ASP B 98 -0.06 -13.86 -3.59
C ASP B 98 1.11 -14.37 -4.41
N ILE B 99 2.01 -13.43 -4.75
CA ILE B 99 3.22 -13.72 -5.50
C ILE B 99 4.18 -14.63 -4.71
N GLU B 100 5.10 -15.26 -5.42
CA GLU B 100 6.09 -16.15 -4.84
C GLU B 100 7.49 -15.57 -4.99
N GLN B 101 8.29 -15.69 -3.92
CA GLN B 101 9.67 -15.21 -3.85
C GLN B 101 10.55 -16.34 -3.30
N VAL B 102 11.84 -16.06 -3.11
CA VAL B 102 12.81 -17.01 -2.53
C VAL B 102 14.07 -16.28 -2.04
#